data_2JDX
#
_entry.id   2JDX
#
_cell.length_a   83.710
_cell.length_b   83.710
_cell.length_c   200.410
_cell.angle_alpha   90.00
_cell.angle_beta   90.00
_cell.angle_gamma   90.00
#
_symmetry.space_group_name_H-M   'P 43 21 2'
#
loop_
_entity.id
_entity.type
_entity.pdbx_description
1 polymer 'PROTEIN (L-ARGININE:GLYCINE AMIDINOTRANSFERASE)'
2 water water
#
_entity_poly.entity_id   1
_entity_poly.type   'polypeptide(L)'
_entity_poly.pdbx_seq_one_letter_code
;STQAATASSRNSCAADDKATEPLPKDCPVSSYNEWDPLEEVIVGRAENACVPPFTIEVKANTYEKYWPFYQKQGGHYFPK
DHLKKAVAEIEEMCNILKTEGVTVRRPDPIDWSLKYKTPDFESTGLYSAMPRDILIVVGNEIIEAPMAWRSRFFEYRAYR
SIIKDYFHRGAKWTTAPKPTMADELYNQDYPIHSVEDRHKLAAQGKFVTTEFEPCFDAADFIRAGRDIFAQRSQVTNYLG
IEWMRRHLAPDYRVHIISFKDPNPHIDATFNIIGPGIVLSNPDRPCHQIDLFKKAGWTIITPPTPIIPDDHPLWMSSKWL
SMNVLMLDEKRVMVDANEVPIQKMFEKLGITTIKVNIRNANSLGGGFHCWTCDVRRRGTLQSYLD
;
_entity_poly.pdbx_strand_id   A
#
# COMPACT_ATOMS: atom_id res chain seq x y z
N CYS A 27 7.96 -1.82 -24.40
CA CYS A 27 6.74 -2.01 -23.56
C CYS A 27 6.88 -1.02 -22.43
N PRO A 28 5.86 -0.18 -22.23
CA PRO A 28 5.92 0.81 -21.16
C PRO A 28 5.90 0.20 -19.77
N VAL A 29 5.16 -0.88 -19.59
CA VAL A 29 5.06 -1.54 -18.30
C VAL A 29 6.07 -2.66 -18.12
N SER A 30 6.91 -2.53 -17.10
CA SER A 30 7.94 -3.53 -16.82
C SER A 30 8.60 -3.29 -15.47
N SER A 31 8.24 -4.07 -14.45
CA SER A 31 8.85 -3.95 -13.12
C SER A 31 8.83 -5.31 -12.43
N TYR A 32 9.98 -5.81 -12.02
CA TYR A 32 10.04 -7.12 -11.37
C TYR A 32 10.30 -7.07 -9.88
N ASN A 33 10.71 -5.90 -9.39
CA ASN A 33 11.00 -5.77 -7.97
C ASN A 33 10.84 -4.34 -7.52
N GLU A 34 11.16 -4.09 -6.26
CA GLU A 34 11.05 -2.77 -5.65
C GLU A 34 12.29 -1.85 -5.73
N TRP A 35 13.41 -2.32 -6.28
CA TRP A 35 14.63 -1.50 -6.30
C TRP A 35 15.33 -1.15 -7.61
N ASP A 36 15.08 -1.86 -8.70
CA ASP A 36 15.76 -1.50 -9.97
C ASP A 36 15.48 -0.05 -10.36
N PRO A 37 16.39 0.59 -11.12
CA PRO A 37 16.29 1.98 -11.56
C PRO A 37 14.91 2.32 -12.06
N LEU A 38 14.20 3.15 -11.28
CA LEU A 38 12.83 3.57 -11.59
C LEU A 38 12.84 4.46 -12.80
N GLU A 39 11.88 4.24 -13.71
CA GLU A 39 11.75 5.04 -14.93
C GLU A 39 10.36 5.69 -15.09
N GLU A 40 9.31 5.01 -14.67
CA GLU A 40 7.96 5.56 -14.76
C GLU A 40 7.20 5.18 -13.51
N VAL A 41 6.33 6.06 -13.05
CA VAL A 41 5.61 5.82 -11.82
C VAL A 41 4.26 6.56 -11.87
N ILE A 42 3.29 6.09 -11.09
CA ILE A 42 2.00 6.73 -11.01
C ILE A 42 1.97 7.25 -9.59
N VAL A 43 1.64 8.53 -9.43
CA VAL A 43 1.56 9.17 -8.11
C VAL A 43 0.08 9.55 -7.89
N GLY A 44 -0.45 9.16 -6.73
CA GLY A 44 -1.84 9.41 -6.41
C GLY A 44 -2.28 10.86 -6.33
N ARG A 45 -3.53 11.06 -5.91
CA ARG A 45 -4.12 12.38 -5.79
C ARG A 45 -4.86 12.50 -4.48
N ALA A 46 -4.68 13.65 -3.81
CA ALA A 46 -5.35 13.92 -2.54
C ALA A 46 -6.68 14.63 -2.75
N GLU A 47 -6.91 15.12 -3.96
CA GLU A 47 -8.12 15.86 -4.33
C GLU A 47 -9.46 15.12 -4.10
N ASN A 48 -10.45 15.86 -3.62
CA ASN A 48 -11.81 15.36 -3.35
C ASN A 48 -11.91 14.08 -2.52
N ALA A 49 -10.90 13.82 -1.71
CA ALA A 49 -10.89 12.65 -0.86
C ALA A 49 -12.05 12.72 0.12
N CYS A 50 -12.75 11.60 0.34
CA CYS A 50 -13.89 11.54 1.27
C CYS A 50 -13.62 10.62 2.44
N VAL A 51 -14.16 10.96 3.60
CA VAL A 51 -14.03 10.13 4.78
C VAL A 51 -14.94 8.93 4.47
N PRO A 52 -14.42 7.70 4.63
CA PRO A 52 -15.31 6.56 4.34
C PRO A 52 -16.39 6.40 5.42
N PRO A 53 -17.59 5.93 5.04
CA PRO A 53 -18.67 5.74 6.02
C PRO A 53 -18.13 4.82 7.09
N PHE A 54 -18.45 5.08 8.34
CA PHE A 54 -17.94 4.26 9.41
C PHE A 54 -18.61 2.88 9.46
N THR A 55 -18.02 1.92 8.76
CA THR A 55 -18.56 0.57 8.71
C THR A 55 -17.56 -0.38 9.35
N ILE A 56 -18.00 -1.62 9.59
CA ILE A 56 -17.19 -2.65 10.24
C ILE A 56 -15.73 -2.79 9.76
N GLU A 57 -15.50 -2.95 8.45
CA GLU A 57 -14.14 -3.12 7.94
C GLU A 57 -13.30 -1.85 8.04
N VAL A 58 -13.97 -0.71 8.18
CA VAL A 58 -13.29 0.56 8.34
C VAL A 58 -12.90 0.65 9.79
N LYS A 59 -13.84 0.34 10.67
CA LYS A 59 -13.60 0.40 12.09
C LYS A 59 -12.46 -0.53 12.48
N ALA A 60 -12.38 -1.69 11.83
CA ALA A 60 -11.33 -2.65 12.13
C ALA A 60 -9.96 -2.20 11.67
N ASN A 61 -9.91 -1.08 10.95
CA ASN A 61 -8.64 -0.56 10.44
C ASN A 61 -8.24 0.79 11.03
N THR A 62 -9.04 1.31 11.97
CA THR A 62 -8.74 2.60 12.55
C THR A 62 -8.54 2.56 14.06
N TYR A 63 -7.64 3.42 14.55
CA TYR A 63 -7.33 3.52 15.96
C TYR A 63 -8.45 4.25 16.69
N GLU A 64 -8.80 3.75 17.87
CA GLU A 64 -9.88 4.30 18.71
C GLU A 64 -9.97 5.81 18.67
N LYS A 65 -8.80 6.44 18.81
CA LYS A 65 -8.67 7.89 18.82
C LYS A 65 -9.50 8.59 17.73
N TYR A 66 -9.61 7.94 16.58
CA TYR A 66 -10.33 8.51 15.43
C TYR A 66 -11.76 8.06 15.14
N TRP A 67 -12.28 7.12 15.91
CA TRP A 67 -13.63 6.64 15.67
C TRP A 67 -14.68 7.75 15.62
N PRO A 68 -14.61 8.72 16.54
CA PRO A 68 -15.59 9.81 16.52
C PRO A 68 -15.50 10.72 15.28
N PHE A 69 -14.32 10.75 14.67
CA PHE A 69 -14.07 11.55 13.46
C PHE A 69 -14.82 10.89 12.33
N TYR A 70 -14.67 9.57 12.21
CA TYR A 70 -15.35 8.84 11.16
C TYR A 70 -16.83 8.84 11.45
N GLN A 71 -17.18 8.73 12.72
CA GLN A 71 -18.57 8.71 13.16
C GLN A 71 -19.33 9.96 12.74
N LYS A 72 -18.70 11.11 12.90
CA LYS A 72 -19.35 12.36 12.52
C LYS A 72 -19.03 12.80 11.08
N GLN A 73 -17.77 12.71 10.69
CA GLN A 73 -17.34 13.12 9.36
C GLN A 73 -17.63 12.20 8.18
N GLY A 74 -17.93 10.93 8.45
CA GLY A 74 -18.21 10.00 7.37
C GLY A 74 -19.09 10.53 6.27
N GLY A 75 -18.66 10.38 5.02
CA GLY A 75 -19.44 10.86 3.90
C GLY A 75 -19.06 12.24 3.39
N HIS A 76 -18.30 12.98 4.20
CA HIS A 76 -17.86 14.31 3.81
C HIS A 76 -16.40 14.24 3.43
N TYR A 77 -15.86 15.33 2.90
CA TYR A 77 -14.47 15.40 2.51
C TYR A 77 -13.58 15.51 3.71
N PHE A 78 -12.35 15.08 3.54
CA PHE A 78 -11.39 15.21 4.60
C PHE A 78 -11.23 16.72 4.67
N PRO A 79 -10.82 17.24 5.85
CA PRO A 79 -10.63 18.67 6.08
C PRO A 79 -9.98 19.34 4.88
N LYS A 80 -10.75 20.16 4.19
CA LYS A 80 -10.24 20.81 2.99
C LYS A 80 -8.95 21.59 3.16
N ASP A 81 -8.70 22.10 4.36
CA ASP A 81 -7.46 22.84 4.61
C ASP A 81 -6.30 21.87 4.61
N HIS A 82 -6.54 20.68 5.17
CA HIS A 82 -5.53 19.64 5.23
C HIS A 82 -5.25 19.07 3.84
N LEU A 83 -6.30 18.91 3.04
CA LEU A 83 -6.13 18.38 1.70
C LEU A 83 -5.29 19.29 0.84
N LYS A 84 -5.44 20.60 1.05
CA LYS A 84 -4.72 21.60 0.28
C LYS A 84 -3.22 21.52 0.52
N LYS A 85 -2.83 21.20 1.75
CA LYS A 85 -1.43 21.03 2.13
C LYS A 85 -0.86 19.75 1.50
N ALA A 86 -1.69 18.70 1.45
CA ALA A 86 -1.31 17.42 0.84
C ALA A 86 -1.04 17.61 -0.64
N VAL A 87 -1.97 18.26 -1.33
CA VAL A 87 -1.82 18.53 -2.75
C VAL A 87 -0.46 19.16 -2.99
N ALA A 88 -0.17 20.21 -2.23
CA ALA A 88 1.09 20.93 -2.36
C ALA A 88 2.31 20.03 -2.17
N GLU A 89 2.29 19.19 -1.14
CA GLU A 89 3.39 18.27 -0.84
C GLU A 89 3.58 17.23 -1.94
N ILE A 90 2.46 16.76 -2.50
CA ILE A 90 2.55 15.75 -3.55
C ILE A 90 3.06 16.36 -4.86
N GLU A 91 2.69 17.59 -5.15
CA GLU A 91 3.15 18.24 -6.36
C GLU A 91 4.66 18.36 -6.34
N GLU A 92 5.22 18.69 -5.18
CA GLU A 92 6.67 18.82 -5.04
C GLU A 92 7.32 17.47 -5.26
N MET A 93 6.72 16.46 -4.65
CA MET A 93 7.20 15.10 -4.80
C MET A 93 7.30 14.81 -6.31
N CYS A 94 6.25 15.18 -7.04
CA CYS A 94 6.24 14.94 -8.48
C CYS A 94 7.34 15.72 -9.17
N ASN A 95 7.61 16.92 -8.68
CA ASN A 95 8.67 17.76 -9.26
C ASN A 95 10.00 17.06 -9.09
N ILE A 96 10.28 16.62 -7.86
CA ILE A 96 11.54 15.94 -7.59
C ILE A 96 11.67 14.64 -8.39
N LEU A 97 10.56 13.95 -8.56
CA LEU A 97 10.57 12.71 -9.32
C LEU A 97 10.99 13.02 -10.73
N LYS A 98 10.41 14.07 -11.30
CA LYS A 98 10.77 14.45 -12.66
C LYS A 98 12.24 14.84 -12.72
N THR A 99 12.70 15.53 -11.69
CA THR A 99 14.10 15.93 -11.59
C THR A 99 15.00 14.72 -11.55
N GLU A 100 14.54 13.66 -10.90
CA GLU A 100 15.31 12.44 -10.82
C GLU A 100 15.23 11.59 -12.07
N GLY A 101 14.57 12.11 -13.10
CA GLY A 101 14.43 11.39 -14.37
C GLY A 101 13.32 10.34 -14.42
N VAL A 102 12.37 10.43 -13.50
CA VAL A 102 11.27 9.49 -13.45
C VAL A 102 10.10 10.13 -14.17
N THR A 103 9.38 9.36 -14.98
CA THR A 103 8.21 9.87 -15.69
C THR A 103 7.02 9.70 -14.74
N VAL A 104 6.28 10.77 -14.52
CA VAL A 104 5.15 10.71 -13.60
C VAL A 104 3.81 10.78 -14.32
N ARG A 105 2.91 9.86 -13.95
CA ARG A 105 1.54 9.81 -14.50
C ARG A 105 0.67 9.98 -13.25
N ARG A 106 -0.52 10.55 -13.39
CA ARG A 106 -1.40 10.73 -12.22
C ARG A 106 -2.80 10.21 -12.50
N PRO A 107 -3.53 9.79 -11.45
CA PRO A 107 -4.89 9.32 -11.71
C PRO A 107 -5.76 10.52 -12.08
N ASP A 108 -6.93 10.30 -12.71
CA ASP A 108 -7.82 11.39 -13.11
C ASP A 108 -8.51 12.02 -11.93
N PRO A 109 -8.90 13.29 -12.06
CA PRO A 109 -9.59 13.99 -10.98
C PRO A 109 -10.99 13.42 -10.99
N ILE A 110 -11.53 13.10 -9.83
CA ILE A 110 -12.84 12.49 -9.69
C ILE A 110 -13.40 12.92 -8.34
N ASP A 111 -14.71 13.07 -8.26
CA ASP A 111 -15.33 13.46 -7.01
C ASP A 111 -15.74 12.22 -6.25
N TRP A 112 -15.03 11.90 -5.19
CA TRP A 112 -15.33 10.70 -4.44
C TRP A 112 -16.49 10.79 -3.52
N SER A 113 -17.25 11.87 -3.58
CA SER A 113 -18.39 12.00 -2.69
C SER A 113 -19.65 11.36 -3.26
N LEU A 114 -19.62 11.01 -4.56
CA LEU A 114 -20.75 10.37 -5.22
C LEU A 114 -21.09 9.06 -4.54
N LYS A 115 -22.39 8.87 -4.31
CA LYS A 115 -22.91 7.67 -3.68
C LYS A 115 -23.37 6.71 -4.76
N TYR A 116 -22.79 5.52 -4.78
CA TYR A 116 -23.17 4.52 -5.75
C TYR A 116 -23.89 3.43 -5.02
N LYS A 117 -24.52 2.55 -5.77
CA LYS A 117 -25.30 1.47 -5.19
C LYS A 117 -25.20 0.23 -6.03
N THR A 118 -24.71 -0.85 -5.45
CA THR A 118 -24.64 -2.09 -6.18
C THR A 118 -25.80 -2.92 -5.64
N PRO A 119 -26.07 -4.09 -6.20
CA PRO A 119 -27.18 -4.87 -5.67
C PRO A 119 -26.91 -5.40 -4.26
N ASP A 120 -25.71 -5.20 -3.75
CA ASP A 120 -25.36 -5.70 -2.42
C ASP A 120 -25.20 -4.64 -1.36
N PHE A 121 -24.87 -3.41 -1.74
CA PHE A 121 -24.64 -2.35 -0.77
C PHE A 121 -24.68 -1.00 -1.45
N GLU A 122 -24.63 0.06 -0.64
CA GLU A 122 -24.63 1.42 -1.16
C GLU A 122 -23.52 2.11 -0.39
N SER A 123 -22.84 3.07 -1.01
CA SER A 123 -21.75 3.75 -0.32
C SER A 123 -21.24 4.92 -1.11
N THR A 124 -20.36 5.68 -0.48
CA THR A 124 -19.71 6.84 -1.09
C THR A 124 -18.25 6.38 -1.33
N GLY A 125 -17.44 7.19 -2.01
CA GLY A 125 -16.07 6.80 -2.26
C GLY A 125 -15.07 7.24 -1.21
N LEU A 126 -13.80 6.92 -1.46
CA LEU A 126 -12.69 7.28 -0.60
C LEU A 126 -11.78 8.28 -1.37
N TYR A 127 -10.78 7.79 -2.10
CA TYR A 127 -9.86 8.64 -2.87
C TYR A 127 -9.03 7.81 -3.85
N SER A 128 -8.16 8.45 -4.62
CA SER A 128 -7.29 7.71 -5.52
C SER A 128 -5.90 8.16 -5.10
N ALA A 129 -5.70 8.24 -3.79
CA ALA A 129 -4.43 8.69 -3.24
C ALA A 129 -3.32 7.65 -3.29
N MET A 130 -3.65 6.40 -2.99
CA MET A 130 -2.64 5.35 -2.94
C MET A 130 -2.70 4.38 -4.09
N PRO A 131 -1.91 4.61 -5.16
CA PRO A 131 -1.97 3.67 -6.29
C PRO A 131 -1.47 2.29 -5.87
N ARG A 132 -0.61 2.23 -4.86
CA ARG A 132 -0.05 0.95 -4.38
C ARG A 132 -1.12 0.02 -3.79
N ASP A 133 -2.20 0.60 -3.29
CA ASP A 133 -3.28 -0.16 -2.69
C ASP A 133 -4.07 -0.92 -3.71
N ILE A 134 -4.09 -0.41 -4.94
CA ILE A 134 -4.89 -0.99 -6.00
C ILE A 134 -4.20 -1.55 -7.24
N LEU A 135 -3.00 -1.08 -7.56
CA LEU A 135 -2.33 -1.59 -8.74
C LEU A 135 -1.03 -2.22 -8.35
N ILE A 136 -0.70 -3.35 -8.95
CA ILE A 136 0.60 -3.96 -8.69
C ILE A 136 1.09 -4.36 -10.07
N VAL A 137 2.39 -4.25 -10.30
CA VAL A 137 2.97 -4.62 -11.57
C VAL A 137 3.93 -5.80 -11.39
N VAL A 138 3.72 -6.83 -12.19
CA VAL A 138 4.54 -8.02 -12.16
C VAL A 138 4.95 -8.23 -13.62
N GLY A 139 6.20 -7.97 -13.91
CA GLY A 139 6.65 -8.15 -15.27
C GLY A 139 6.05 -7.08 -16.14
N ASN A 140 5.35 -7.51 -17.18
CA ASN A 140 4.73 -6.63 -18.15
C ASN A 140 3.24 -6.61 -17.92
N GLU A 141 2.83 -7.03 -16.75
CA GLU A 141 1.43 -7.10 -16.46
C GLU A 141 1.01 -6.16 -15.36
N ILE A 142 -0.07 -5.43 -15.59
CA ILE A 142 -0.58 -4.54 -14.56
C ILE A 142 -1.86 -5.19 -14.01
N ILE A 143 -1.92 -5.35 -12.70
CA ILE A 143 -3.03 -6.00 -12.02
C ILE A 143 -3.82 -5.05 -11.09
N GLU A 144 -5.12 -4.96 -11.30
CA GLU A 144 -5.97 -4.12 -10.46
C GLU A 144 -6.47 -5.03 -9.34
N ALA A 145 -6.27 -4.62 -8.10
CA ALA A 145 -6.70 -5.42 -6.97
C ALA A 145 -8.22 -5.33 -6.82
N PRO A 146 -8.86 -6.34 -6.21
CA PRO A 146 -10.32 -6.38 -6.00
C PRO A 146 -10.76 -5.33 -4.98
N MET A 147 -9.94 -5.15 -3.95
CA MET A 147 -10.17 -4.25 -2.82
C MET A 147 -11.03 -5.05 -1.87
N ALA A 148 -11.32 -4.47 -0.70
CA ALA A 148 -12.11 -5.17 0.31
C ALA A 148 -12.99 -4.23 1.11
N TRP A 149 -12.99 -2.95 0.73
CA TRP A 149 -13.78 -1.94 1.42
C TRP A 149 -14.88 -1.50 0.45
N ARG A 150 -16.08 -1.28 0.97
CA ARG A 150 -17.18 -0.85 0.15
C ARG A 150 -16.91 0.52 -0.44
N SER A 151 -16.30 1.39 0.34
CA SER A 151 -15.99 2.74 -0.13
C SER A 151 -14.91 2.76 -1.22
N ARG A 152 -14.29 1.61 -1.48
CA ARG A 152 -13.25 1.55 -2.49
C ARG A 152 -13.63 0.70 -3.69
N PHE A 153 -14.91 0.34 -3.79
CA PHE A 153 -15.37 -0.50 -4.89
C PHE A 153 -15.07 0.01 -6.28
N PHE A 154 -15.27 1.31 -6.52
CA PHE A 154 -15.04 1.90 -7.83
C PHE A 154 -13.82 2.79 -7.95
N GLU A 155 -12.79 2.44 -7.19
CA GLU A 155 -11.55 3.24 -7.21
C GLU A 155 -10.80 3.11 -8.53
N TYR A 156 -10.93 1.97 -9.17
CA TYR A 156 -10.25 1.72 -10.43
C TYR A 156 -10.57 2.75 -11.52
N ARG A 157 -11.74 3.40 -11.40
CA ARG A 157 -12.17 4.39 -12.39
C ARG A 157 -11.15 5.49 -12.56
N ALA A 158 -10.52 5.88 -11.46
CA ALA A 158 -9.52 6.94 -11.47
C ALA A 158 -8.27 6.59 -12.28
N TYR A 159 -7.97 5.30 -12.44
CA TYR A 159 -6.76 4.88 -13.17
C TYR A 159 -6.94 4.22 -14.53
N ARG A 160 -8.17 4.13 -15.04
CA ARG A 160 -8.38 3.49 -16.33
C ARG A 160 -7.76 4.15 -17.57
N SER A 161 -7.66 5.47 -17.57
CA SER A 161 -7.05 6.18 -18.71
C SER A 161 -5.60 5.79 -18.85
N ILE A 162 -4.90 5.75 -17.73
CA ILE A 162 -3.49 5.37 -17.77
C ILE A 162 -3.38 3.95 -18.23
N ILE A 163 -4.18 3.07 -17.60
CA ILE A 163 -4.12 1.65 -17.90
C ILE A 163 -4.45 1.33 -19.33
N LYS A 164 -5.43 2.01 -19.90
CA LYS A 164 -5.75 1.71 -21.30
C LYS A 164 -4.64 2.16 -22.23
N ASP A 165 -3.93 3.22 -21.84
CA ASP A 165 -2.83 3.75 -22.63
C ASP A 165 -1.69 2.74 -22.65
N TYR A 166 -1.36 2.16 -21.52
CA TYR A 166 -0.29 1.16 -21.46
C TYR A 166 -0.71 -0.05 -22.26
N PHE A 167 -2.01 -0.39 -22.18
CA PHE A 167 -2.58 -1.53 -22.88
C PHE A 167 -2.44 -1.37 -24.37
N HIS A 168 -2.81 -0.21 -24.89
CA HIS A 168 -2.66 0.04 -26.32
C HIS A 168 -1.19 -0.06 -26.69
N ARG A 169 -0.31 0.30 -25.76
CA ARG A 169 1.12 0.27 -25.99
C ARG A 169 1.78 -1.06 -25.78
N GLY A 170 0.98 -2.09 -25.54
CA GLY A 170 1.57 -3.41 -25.37
C GLY A 170 1.49 -4.13 -24.04
N ALA A 171 1.11 -3.45 -22.97
CA ALA A 171 1.08 -4.14 -21.70
C ALA A 171 -0.04 -5.17 -21.53
N LYS A 172 0.15 -6.12 -20.63
CA LYS A 172 -0.88 -7.10 -20.31
C LYS A 172 -1.66 -6.44 -19.18
N TRP A 173 -2.97 -6.61 -19.18
CA TRP A 173 -3.81 -5.96 -18.20
C TRP A 173 -4.74 -6.97 -17.56
N THR A 174 -4.77 -6.97 -16.24
CA THR A 174 -5.59 -7.92 -15.49
C THR A 174 -6.37 -7.27 -14.36
N THR A 175 -7.58 -7.77 -14.16
CA THR A 175 -8.45 -7.31 -13.08
C THR A 175 -8.80 -8.59 -12.32
N ALA A 176 -8.40 -8.63 -11.04
CA ALA A 176 -8.70 -9.78 -10.20
C ALA A 176 -10.22 -9.74 -10.03
N PRO A 177 -10.86 -10.87 -9.72
CA PRO A 177 -12.34 -10.86 -9.56
C PRO A 177 -12.91 -9.89 -8.53
N LYS A 178 -13.65 -8.90 -9.01
CA LYS A 178 -14.27 -7.89 -8.15
C LYS A 178 -15.26 -8.56 -7.21
N PRO A 179 -15.11 -8.39 -5.88
CA PRO A 179 -16.02 -9.02 -4.92
C PRO A 179 -17.40 -8.41 -4.96
N THR A 180 -18.33 -9.08 -4.32
CA THR A 180 -19.69 -8.58 -4.24
C THR A 180 -19.73 -7.67 -3.04
N MET A 181 -18.90 -8.00 -2.06
CA MET A 181 -18.78 -7.26 -0.83
C MET A 181 -20.10 -7.30 -0.06
N ALA A 182 -20.79 -8.43 -0.15
CA ALA A 182 -22.03 -8.63 0.57
C ALA A 182 -21.64 -8.82 2.03
N ASP A 183 -22.61 -8.69 2.93
CA ASP A 183 -22.35 -8.86 4.37
C ASP A 183 -21.58 -10.11 4.63
N GLU A 184 -21.78 -11.12 3.79
CA GLU A 184 -21.10 -12.40 3.96
C GLU A 184 -19.58 -12.32 3.98
N LEU A 185 -19.02 -11.25 3.44
CA LEU A 185 -17.57 -11.11 3.41
C LEU A 185 -17.00 -10.59 4.72
N TYR A 186 -17.86 -10.01 5.56
CA TYR A 186 -17.44 -9.41 6.84
C TYR A 186 -18.01 -10.06 8.10
N ASN A 187 -17.19 -10.13 9.16
CA ASN A 187 -17.64 -10.66 10.44
C ASN A 187 -18.34 -9.50 11.09
N GLN A 188 -19.66 -9.45 10.93
CA GLN A 188 -20.46 -8.35 11.46
C GLN A 188 -20.25 -8.13 12.96
N ASP A 189 -19.75 -9.17 13.61
CA ASP A 189 -19.48 -9.15 15.05
C ASP A 189 -17.98 -9.24 15.40
N TYR A 190 -17.10 -8.76 14.51
CA TYR A 190 -15.67 -8.78 14.79
C TYR A 190 -15.54 -7.94 16.05
N PRO A 191 -15.09 -8.55 17.14
CA PRO A 191 -14.91 -7.97 18.46
C PRO A 191 -13.92 -6.84 18.66
N ILE A 192 -13.55 -6.11 17.62
CA ILE A 192 -12.61 -5.05 17.86
C ILE A 192 -13.26 -3.89 18.62
N HIS A 193 -12.61 -3.50 19.71
CA HIS A 193 -13.04 -2.40 20.57
C HIS A 193 -11.79 -1.57 20.91
N SER A 194 -10.65 -2.11 20.50
CA SER A 194 -9.38 -1.47 20.71
C SER A 194 -8.39 -2.24 19.86
N VAL A 195 -7.21 -1.67 19.67
CA VAL A 195 -6.15 -2.29 18.89
C VAL A 195 -5.69 -3.59 19.58
N GLU A 196 -5.94 -3.68 20.89
CA GLU A 196 -5.57 -4.85 21.70
C GLU A 196 -6.48 -6.04 21.46
N ASP A 197 -7.65 -5.77 20.89
CA ASP A 197 -8.60 -6.83 20.57
C ASP A 197 -8.25 -7.33 19.15
N ARG A 198 -8.03 -6.39 18.23
CA ARG A 198 -7.65 -6.72 16.85
C ARG A 198 -6.37 -7.58 16.80
N HIS A 199 -5.34 -7.13 17.51
CA HIS A 199 -4.06 -7.82 17.56
C HIS A 199 -4.07 -9.24 18.15
N LYS A 200 -5.00 -9.52 19.05
CA LYS A 200 -5.11 -10.85 19.64
C LYS A 200 -5.83 -11.75 18.66
N LEU A 201 -6.93 -11.22 18.11
CA LEU A 201 -7.75 -11.93 17.13
C LEU A 201 -6.91 -12.28 15.91
N ALA A 202 -6.15 -11.29 15.46
CA ALA A 202 -5.28 -11.44 14.33
C ALA A 202 -4.42 -12.64 14.61
N ALA A 203 -3.85 -12.68 15.81
CA ALA A 203 -2.99 -13.78 16.25
C ALA A 203 -3.74 -15.10 16.14
N GLN A 204 -5.03 -15.04 16.45
CA GLN A 204 -5.88 -16.20 16.41
C GLN A 204 -6.25 -16.58 14.97
N GLY A 205 -5.96 -15.68 14.03
CA GLY A 205 -6.25 -15.88 12.62
C GLY A 205 -7.58 -15.21 12.26
N LYS A 206 -8.10 -14.46 13.23
CA LYS A 206 -9.37 -13.76 13.13
C LYS A 206 -9.23 -12.39 12.54
N PHE A 207 -9.90 -12.16 11.42
CA PHE A 207 -9.89 -10.86 10.78
C PHE A 207 -11.31 -10.45 10.42
N VAL A 208 -11.50 -9.17 10.14
CA VAL A 208 -12.83 -8.68 9.81
C VAL A 208 -13.37 -9.31 8.53
N THR A 209 -12.47 -9.77 7.65
CA THR A 209 -12.90 -10.41 6.41
C THR A 209 -12.91 -11.93 6.50
N THR A 210 -13.91 -12.51 5.88
CA THR A 210 -14.09 -13.95 5.86
C THR A 210 -13.47 -14.45 4.58
N GLU A 211 -13.65 -15.74 4.34
CA GLU A 211 -13.16 -16.35 3.12
C GLU A 211 -14.37 -16.54 2.21
N PHE A 212 -15.39 -15.71 2.38
CA PHE A 212 -16.58 -15.81 1.56
C PHE A 212 -16.26 -15.68 0.07
N GLU A 213 -15.28 -14.84 -0.28
CA GLU A 213 -14.86 -14.62 -1.67
C GLU A 213 -13.49 -13.96 -1.70
N PRO A 214 -12.79 -14.00 -2.85
CA PRO A 214 -11.46 -13.38 -2.93
C PRO A 214 -11.53 -11.87 -2.79
N CYS A 215 -10.65 -11.34 -1.96
CA CYS A 215 -10.50 -9.91 -1.76
C CYS A 215 -9.06 -9.70 -1.36
N PHE A 216 -8.53 -8.51 -1.60
CA PHE A 216 -7.17 -8.15 -1.21
C PHE A 216 -6.83 -6.75 -1.68
N ASP A 217 -5.80 -6.15 -1.08
CA ASP A 217 -5.27 -4.83 -1.45
C ASP A 217 -3.89 -5.20 -2.01
N ALA A 218 -3.53 -4.65 -3.16
CA ALA A 218 -2.24 -4.98 -3.75
C ALA A 218 -1.10 -4.70 -2.78
N ALA A 219 -1.31 -3.75 -1.89
CA ALA A 219 -0.30 -3.36 -0.92
C ALA A 219 0.10 -4.42 0.12
N ASP A 220 -0.55 -5.57 0.12
CA ASP A 220 -0.19 -6.65 1.05
C ASP A 220 0.74 -7.62 0.34
N PHE A 221 1.22 -7.21 -0.83
CA PHE A 221 2.17 -7.97 -1.67
C PHE A 221 3.42 -7.09 -1.89
N ILE A 222 4.60 -7.67 -1.72
CA ILE A 222 5.84 -6.93 -1.89
C ILE A 222 6.65 -7.83 -2.81
N ARG A 223 7.19 -7.26 -3.88
CA ARG A 223 7.91 -8.02 -4.91
C ARG A 223 9.42 -8.09 -4.82
N ALA A 224 9.93 -9.30 -5.03
CA ALA A 224 11.36 -9.55 -5.01
C ALA A 224 11.74 -10.47 -6.16
N GLY A 225 11.39 -10.09 -7.38
CA GLY A 225 11.72 -10.91 -8.53
C GLY A 225 10.76 -12.07 -8.67
N ARG A 226 11.28 -13.30 -8.64
CA ARG A 226 10.45 -14.50 -8.77
C ARG A 226 9.68 -14.86 -7.51
N ASP A 227 9.91 -14.15 -6.43
CA ASP A 227 9.20 -14.45 -5.19
C ASP A 227 8.47 -13.21 -4.71
N ILE A 228 7.17 -13.34 -4.53
CA ILE A 228 6.34 -12.23 -4.08
C ILE A 228 5.93 -12.67 -2.70
N PHE A 229 5.85 -11.75 -1.76
CA PHE A 229 5.49 -12.14 -0.41
C PHE A 229 4.22 -11.43 -0.08
N ALA A 230 3.33 -12.15 0.60
CA ALA A 230 2.04 -11.62 0.94
C ALA A 230 1.70 -11.96 2.36
N GLN A 231 0.65 -11.34 2.87
CA GLN A 231 0.23 -11.57 4.24
C GLN A 231 -1.31 -11.51 4.34
N ARG A 232 -1.88 -12.39 5.14
CA ARG A 232 -3.31 -12.41 5.34
C ARG A 232 -3.50 -11.17 6.21
N SER A 233 -4.49 -10.35 5.92
CA SER A 233 -4.73 -9.16 6.71
C SER A 233 -6.21 -8.82 6.77
N GLN A 234 -6.53 -7.72 7.42
CA GLN A 234 -7.91 -7.30 7.53
C GLN A 234 -8.58 -7.21 6.17
N VAL A 235 -7.80 -6.86 5.14
CA VAL A 235 -8.33 -6.67 3.80
C VAL A 235 -7.91 -7.68 2.75
N THR A 236 -6.94 -8.52 3.06
CA THR A 236 -6.45 -9.53 2.14
C THR A 236 -6.68 -10.90 2.79
N ASN A 237 -7.63 -11.69 2.27
CA ASN A 237 -7.86 -12.99 2.85
C ASN A 237 -7.13 -14.08 2.08
N TYR A 238 -7.16 -15.30 2.58
CA TYR A 238 -6.46 -16.40 1.92
C TYR A 238 -6.94 -16.73 0.51
N LEU A 239 -8.21 -16.48 0.21
CA LEU A 239 -8.70 -16.75 -1.15
C LEU A 239 -8.05 -15.73 -2.09
N GLY A 240 -7.91 -14.49 -1.61
CA GLY A 240 -7.25 -13.45 -2.38
C GLY A 240 -5.84 -13.88 -2.72
N ILE A 241 -5.09 -14.33 -1.70
CA ILE A 241 -3.71 -14.78 -1.91
C ILE A 241 -3.56 -15.99 -2.85
N GLU A 242 -4.48 -16.95 -2.72
CA GLU A 242 -4.46 -18.14 -3.57
C GLU A 242 -4.81 -17.75 -5.01
N TRP A 243 -5.68 -16.77 -5.18
CA TRP A 243 -6.01 -16.34 -6.52
C TRP A 243 -4.74 -15.85 -7.21
N MET A 244 -4.00 -14.98 -6.52
CA MET A 244 -2.74 -14.43 -7.01
C MET A 244 -1.74 -15.53 -7.24
N ARG A 245 -1.59 -16.39 -6.24
CA ARG A 245 -0.65 -17.49 -6.33
C ARG A 245 -0.95 -18.30 -7.57
N ARG A 246 -2.22 -18.63 -7.75
CA ARG A 246 -2.65 -19.45 -8.87
C ARG A 246 -2.59 -18.76 -10.24
N HIS A 247 -2.68 -17.44 -10.24
CA HIS A 247 -2.64 -16.67 -11.47
C HIS A 247 -1.26 -16.40 -12.02
N LEU A 248 -0.25 -16.29 -11.14
CA LEU A 248 1.13 -15.97 -11.53
C LEU A 248 2.03 -17.18 -11.66
N ALA A 249 1.63 -18.30 -11.07
CA ALA A 249 2.42 -19.51 -11.17
C ALA A 249 2.39 -19.94 -12.63
N PRO A 250 3.41 -20.68 -13.08
CA PRO A 250 4.61 -21.20 -12.44
C PRO A 250 5.77 -20.20 -12.34
N ASP A 251 5.71 -19.16 -13.18
CA ASP A 251 6.74 -18.14 -13.22
C ASP A 251 7.02 -17.40 -11.92
N TYR A 252 6.00 -17.20 -11.09
CA TYR A 252 6.18 -16.49 -9.85
C TYR A 252 5.66 -17.27 -8.67
N ARG A 253 6.40 -17.19 -7.57
CA ARG A 253 6.05 -17.87 -6.34
C ARG A 253 5.58 -16.84 -5.36
N VAL A 254 4.32 -16.95 -4.93
CA VAL A 254 3.73 -16.06 -3.94
C VAL A 254 3.81 -16.80 -2.61
N HIS A 255 4.55 -16.25 -1.65
CA HIS A 255 4.71 -16.87 -0.34
C HIS A 255 3.95 -16.06 0.68
N ILE A 256 3.46 -16.73 1.71
CA ILE A 256 2.71 -16.08 2.78
C ILE A 256 3.59 -16.02 4.04
N ILE A 257 3.82 -14.83 4.54
CA ILE A 257 4.60 -14.66 5.75
C ILE A 257 3.71 -13.93 6.75
N SER A 258 4.02 -14.03 8.03
CA SER A 258 3.21 -13.39 9.03
C SER A 258 4.09 -12.64 10.00
N PHE A 259 3.49 -11.68 10.70
CA PHE A 259 4.23 -10.85 11.62
C PHE A 259 3.51 -10.68 12.93
N LYS A 260 4.23 -10.26 13.97
CA LYS A 260 3.62 -10.03 15.27
C LYS A 260 2.80 -8.75 15.15
N ASP A 261 1.67 -8.66 15.85
CA ASP A 261 0.80 -7.47 15.81
C ASP A 261 0.64 -6.99 14.38
N PRO A 262 0.08 -7.85 13.53
CA PRO A 262 -0.14 -7.54 12.11
C PRO A 262 -0.99 -6.29 11.88
N ASN A 263 -0.67 -5.59 10.80
CA ASN A 263 -1.35 -4.36 10.39
C ASN A 263 -1.38 -4.52 8.87
N PRO A 264 -2.51 -4.21 8.20
CA PRO A 264 -2.59 -4.35 6.74
C PRO A 264 -1.62 -3.50 5.95
N HIS A 265 -1.22 -4.04 4.80
CA HIS A 265 -0.29 -3.42 3.87
C HIS A 265 1.11 -3.74 4.38
N ILE A 266 1.75 -4.66 3.68
CA ILE A 266 3.06 -5.14 4.05
C ILE A 266 4.23 -4.16 3.95
N ASP A 267 4.13 -3.17 3.08
CA ASP A 267 5.21 -2.19 2.87
C ASP A 267 5.51 -1.26 4.03
N ALA A 268 4.83 -1.47 5.15
CA ALA A 268 5.06 -0.66 6.34
C ALA A 268 5.48 -1.59 7.48
N THR A 269 5.79 -2.83 7.14
CA THR A 269 6.19 -3.84 8.12
C THR A 269 7.40 -4.60 7.60
N PHE A 270 7.47 -4.77 6.28
CA PHE A 270 8.53 -5.53 5.69
C PHE A 270 8.71 -4.93 4.33
N ASN A 271 9.46 -3.83 4.25
CA ASN A 271 9.68 -3.15 2.98
C ASN A 271 11.01 -3.65 2.40
N ILE A 272 10.95 -4.38 1.29
CA ILE A 272 12.18 -4.90 0.66
C ILE A 272 12.80 -3.77 -0.16
N ILE A 273 14.03 -3.38 0.18
CA ILE A 273 14.72 -2.27 -0.46
C ILE A 273 15.91 -2.61 -1.36
N GLY A 274 16.27 -3.88 -1.48
CA GLY A 274 17.40 -4.19 -2.33
C GLY A 274 17.51 -5.69 -2.39
N PRO A 275 18.34 -6.21 -3.29
CA PRO A 275 18.54 -7.64 -3.45
C PRO A 275 18.97 -8.29 -2.15
N GLY A 276 18.05 -8.82 -1.37
CA GLY A 276 18.45 -9.45 -0.13
C GLY A 276 18.59 -8.50 1.05
N ILE A 277 18.01 -7.32 0.94
CA ILE A 277 18.09 -6.35 2.01
C ILE A 277 16.67 -5.94 2.27
N VAL A 278 16.24 -6.07 3.51
CA VAL A 278 14.88 -5.74 3.87
C VAL A 278 14.83 -4.92 5.16
N LEU A 279 13.80 -4.07 5.26
CA LEU A 279 13.56 -3.24 6.43
C LEU A 279 12.44 -3.91 7.23
N SER A 280 12.79 -4.42 8.41
CA SER A 280 11.84 -5.10 9.28
C SER A 280 11.46 -4.21 10.44
N ASN A 281 10.19 -3.83 10.50
CA ASN A 281 9.65 -2.99 11.55
C ASN A 281 9.92 -3.67 12.88
N PRO A 282 10.60 -2.99 13.81
CA PRO A 282 10.89 -3.58 15.11
C PRO A 282 9.68 -4.04 15.93
N ASP A 283 8.56 -3.33 15.80
CA ASP A 283 7.34 -3.68 16.52
C ASP A 283 6.57 -4.88 15.93
N ARG A 284 6.81 -5.20 14.67
CA ARG A 284 6.12 -6.30 14.01
C ARG A 284 7.06 -7.32 13.42
N PRO A 285 7.79 -8.04 14.29
CA PRO A 285 8.74 -9.06 13.81
C PRO A 285 8.04 -10.20 13.03
N CYS A 286 8.72 -10.65 11.97
CA CYS A 286 8.23 -11.71 11.09
C CYS A 286 8.47 -13.07 11.70
N HIS A 287 7.44 -13.90 11.69
CA HIS A 287 7.55 -15.24 12.25
C HIS A 287 8.45 -16.14 11.43
N GLN A 288 8.63 -15.78 10.17
CA GLN A 288 9.46 -16.60 9.29
C GLN A 288 10.79 -15.93 9.00
N ILE A 289 11.26 -15.06 9.89
CA ILE A 289 12.52 -14.36 9.64
C ILE A 289 13.66 -15.31 9.31
N ASP A 290 13.59 -16.53 9.85
CA ASP A 290 14.62 -17.51 9.61
C ASP A 290 14.78 -17.92 8.16
N LEU A 291 13.69 -17.91 7.40
CA LEU A 291 13.74 -18.26 5.99
C LEU A 291 14.72 -17.30 5.29
N PHE A 292 14.69 -16.04 5.69
CA PHE A 292 15.55 -15.01 5.11
C PHE A 292 16.93 -15.04 5.70
N LYS A 293 17.04 -15.35 7.00
CA LYS A 293 18.36 -15.42 7.62
C LYS A 293 19.12 -16.51 6.92
N LYS A 294 18.46 -17.64 6.70
CA LYS A 294 19.07 -18.74 6.01
C LYS A 294 19.45 -18.39 4.57
N ALA A 295 18.72 -17.45 3.97
CA ALA A 295 18.98 -17.03 2.58
C ALA A 295 20.14 -16.05 2.44
N GLY A 296 20.71 -15.64 3.57
CA GLY A 296 21.82 -14.71 3.54
C GLY A 296 21.34 -13.30 3.28
N TRP A 297 20.14 -13.00 3.77
CA TRP A 297 19.53 -11.70 3.59
C TRP A 297 19.88 -10.81 4.76
N THR A 298 20.03 -9.52 4.48
CA THR A 298 20.33 -8.51 5.49
C THR A 298 19.00 -7.92 5.99
N ILE A 299 18.68 -8.15 7.26
CA ILE A 299 17.46 -7.63 7.85
C ILE A 299 17.89 -6.43 8.70
N ILE A 300 17.40 -5.25 8.33
CA ILE A 300 17.69 -3.98 8.97
C ILE A 300 16.49 -3.53 9.77
N THR A 301 16.69 -3.14 11.02
CA THR A 301 15.57 -2.65 11.82
C THR A 301 15.70 -1.12 11.91
N PRO A 302 14.82 -0.38 11.23
CA PRO A 302 14.88 1.07 11.25
C PRO A 302 14.69 1.63 12.64
N PRO A 303 15.19 2.85 12.87
CA PRO A 303 15.04 3.48 14.18
C PRO A 303 13.60 3.98 14.29
N THR A 304 13.16 4.30 15.50
CA THR A 304 11.79 4.75 15.73
C THR A 304 11.45 6.06 15.03
N PRO A 305 10.17 6.19 14.62
CA PRO A 305 9.69 7.40 13.95
C PRO A 305 9.75 8.55 14.94
N ILE A 306 9.79 9.77 14.42
CA ILE A 306 9.81 10.94 15.29
C ILE A 306 8.58 11.82 15.05
N ILE A 307 7.62 11.34 14.26
CA ILE A 307 6.41 12.12 13.97
C ILE A 307 5.65 12.42 15.27
N PRO A 308 5.20 13.68 15.42
CA PRO A 308 4.45 14.13 16.59
C PRO A 308 3.16 13.37 16.75
N ASP A 309 2.86 12.97 17.98
CA ASP A 309 1.64 12.24 18.30
C ASP A 309 0.40 13.11 18.11
N ASP A 310 0.59 14.41 17.94
CA ASP A 310 -0.54 15.30 17.74
C ASP A 310 -0.89 15.43 16.26
N HIS A 311 0.00 14.99 15.38
CA HIS A 311 -0.30 15.06 13.96
C HIS A 311 -1.27 13.93 13.70
N PRO A 312 -2.37 14.22 12.98
CA PRO A 312 -3.35 13.17 12.69
C PRO A 312 -3.03 12.22 11.53
N LEU A 313 -3.16 10.93 11.81
CA LEU A 313 -2.96 9.89 10.82
C LEU A 313 -4.26 9.10 10.83
N TRP A 314 -5.27 9.61 10.13
CA TRP A 314 -6.57 8.97 10.10
C TRP A 314 -6.42 7.53 9.70
N MET A 315 -5.48 7.29 8.80
CA MET A 315 -5.21 5.95 8.36
C MET A 315 -3.72 5.72 8.56
N SER A 316 -3.37 4.49 8.93
CA SER A 316 -1.99 4.06 9.16
C SER A 316 -1.43 4.34 10.56
N SER A 317 -0.13 4.12 10.68
CA SER A 317 0.60 4.31 11.91
C SER A 317 1.79 5.20 11.63
N LYS A 318 2.51 5.54 12.69
CA LYS A 318 3.69 6.38 12.57
C LYS A 318 4.79 5.67 11.77
N TRP A 319 4.64 4.37 11.60
CA TRP A 319 5.67 3.63 10.88
C TRP A 319 5.80 3.93 9.40
N LEU A 320 5.07 4.93 8.93
CA LEU A 320 5.13 5.31 7.54
C LEU A 320 6.54 5.76 7.20
N SER A 321 7.34 6.06 8.21
CA SER A 321 8.73 6.52 8.01
C SER A 321 9.57 5.50 7.26
N MET A 322 9.25 4.20 7.43
CA MET A 322 9.99 3.13 6.75
C MET A 322 9.31 2.73 5.44
N ASN A 323 8.19 3.38 5.15
CA ASN A 323 7.43 3.14 3.94
C ASN A 323 8.13 3.89 2.79
N VAL A 324 9.42 3.65 2.62
CA VAL A 324 10.21 4.34 1.59
C VAL A 324 10.07 3.82 0.15
N LEU A 325 10.42 4.68 -0.80
CA LEU A 325 10.37 4.35 -2.21
C LEU A 325 11.80 4.37 -2.74
N MET A 326 12.31 3.28 -3.27
CA MET A 326 13.67 3.27 -3.80
C MET A 326 13.70 3.68 -5.26
N LEU A 327 14.52 4.69 -5.60
CA LEU A 327 14.66 5.15 -6.99
C LEU A 327 15.64 4.19 -7.68
N ASP A 328 16.42 3.51 -6.87
CA ASP A 328 17.36 2.48 -7.30
C ASP A 328 18.00 1.92 -6.05
N GLU A 329 18.99 1.05 -6.20
CA GLU A 329 19.61 0.45 -5.02
C GLU A 329 20.21 1.41 -4.03
N LYS A 330 20.79 2.50 -4.55
CA LYS A 330 21.47 3.51 -3.74
C LYS A 330 20.75 4.84 -3.52
N ARG A 331 19.56 5.03 -4.08
CA ARG A 331 18.83 6.28 -3.90
C ARG A 331 17.48 5.97 -3.33
N VAL A 332 17.19 6.55 -2.17
CA VAL A 332 15.92 6.32 -1.51
C VAL A 332 15.23 7.67 -1.32
N MET A 333 13.90 7.68 -1.41
CA MET A 333 13.13 8.89 -1.18
C MET A 333 12.59 8.70 0.25
N VAL A 334 13.11 9.47 1.20
CA VAL A 334 12.72 9.30 2.60
C VAL A 334 12.13 10.59 3.12
N ASP A 335 11.31 10.51 4.18
CA ASP A 335 10.68 11.71 4.73
C ASP A 335 11.73 12.70 5.21
N ALA A 336 11.57 13.95 4.79
CA ALA A 336 12.48 15.03 5.16
C ALA A 336 12.54 15.26 6.67
N ASN A 337 11.51 14.87 7.41
CA ASN A 337 11.48 15.08 8.85
C ASN A 337 12.03 13.93 9.67
N GLU A 338 12.11 12.73 9.10
CA GLU A 338 12.60 11.58 9.85
C GLU A 338 14.10 11.48 9.80
N VAL A 339 14.78 12.34 10.54
CA VAL A 339 16.24 12.34 10.52
C VAL A 339 16.92 11.01 10.87
N PRO A 340 16.49 10.36 11.96
CA PRO A 340 17.08 9.09 12.38
C PRO A 340 17.16 8.05 11.29
N ILE A 341 16.07 7.84 10.55
CA ILE A 341 16.10 6.85 9.48
C ILE A 341 16.96 7.32 8.31
N GLN A 342 17.06 8.64 8.12
CA GLN A 342 17.89 9.25 7.07
C GLN A 342 19.34 8.89 7.32
N LYS A 343 19.75 9.01 8.57
CA LYS A 343 21.11 8.71 9.00
C LYS A 343 21.44 7.24 8.75
N MET A 344 20.47 6.37 8.97
CA MET A 344 20.67 4.95 8.75
C MET A 344 20.99 4.68 7.29
N PHE A 345 20.16 5.18 6.40
CA PHE A 345 20.41 4.94 4.99
C PHE A 345 21.78 5.46 4.62
N GLU A 346 22.13 6.61 5.16
CA GLU A 346 23.43 7.21 4.85
C GLU A 346 24.62 6.39 5.33
N LYS A 347 24.57 5.81 6.53
CA LYS A 347 25.68 5.00 7.01
C LYS A 347 25.83 3.79 6.11
N LEU A 348 24.72 3.43 5.45
CA LEU A 348 24.66 2.29 4.56
C LEU A 348 25.09 2.57 3.12
N GLY A 349 25.30 3.84 2.80
CA GLY A 349 25.75 4.22 1.47
C GLY A 349 24.64 4.60 0.50
N ILE A 350 23.43 4.70 1.03
CA ILE A 350 22.25 5.04 0.25
C ILE A 350 21.96 6.52 0.35
N THR A 351 21.94 7.17 -0.80
CA THR A 351 21.66 8.60 -0.94
C THR A 351 20.22 8.93 -0.59
N THR A 352 20.01 9.77 0.41
CA THR A 352 18.64 10.15 0.80
C THR A 352 18.11 11.31 -0.05
N ILE A 353 16.90 11.16 -0.57
CA ILE A 353 16.28 12.23 -1.35
C ILE A 353 15.13 12.64 -0.45
N LYS A 354 15.40 13.62 0.39
CA LYS A 354 14.43 14.08 1.36
C LYS A 354 13.30 14.87 0.78
N VAL A 355 12.08 14.42 1.04
CA VAL A 355 10.88 15.10 0.57
C VAL A 355 9.92 15.14 1.75
N ASN A 356 9.22 16.26 1.91
CA ASN A 356 8.29 16.40 3.02
C ASN A 356 6.85 16.10 2.61
N ILE A 357 6.23 15.14 3.27
CA ILE A 357 4.85 14.82 2.95
C ILE A 357 4.09 14.56 4.22
N ARG A 358 4.39 15.36 5.24
CA ARG A 358 3.77 15.20 6.53
C ARG A 358 2.26 15.22 6.44
N ASN A 359 1.69 16.15 5.70
CA ASN A 359 0.23 16.17 5.59
C ASN A 359 -0.34 15.07 4.71
N ALA A 360 0.41 14.63 3.71
CA ALA A 360 -0.05 13.57 2.82
C ALA A 360 -0.11 12.24 3.60
N ASN A 361 0.74 12.11 4.62
CA ASN A 361 0.77 10.91 5.47
C ASN A 361 -0.58 10.64 6.16
N SER A 362 -1.28 11.71 6.52
CA SER A 362 -2.57 11.59 7.23
C SER A 362 -3.57 10.74 6.48
N LEU A 363 -3.51 10.82 5.14
CA LEU A 363 -4.39 10.08 4.28
C LEU A 363 -4.11 8.58 4.38
N GLY A 364 -3.00 8.22 5.01
CA GLY A 364 -2.69 6.82 5.20
C GLY A 364 -1.47 6.24 4.54
N GLY A 365 -0.56 7.06 4.04
CA GLY A 365 0.59 6.47 3.41
C GLY A 365 1.79 7.34 3.15
N GLY A 366 2.92 6.65 2.98
CA GLY A 366 4.18 7.30 2.68
C GLY A 366 4.49 7.23 1.20
N PHE A 367 5.76 7.20 0.87
CA PHE A 367 6.18 7.20 -0.51
C PHE A 367 5.82 5.97 -1.28
N HIS A 368 6.05 4.82 -0.68
CA HIS A 368 5.74 3.56 -1.35
C HIS A 368 4.24 3.44 -1.60
N CYS A 369 3.43 4.01 -0.72
CA CYS A 369 1.97 3.95 -0.84
C CYS A 369 1.40 4.95 -1.83
N TRP A 370 2.01 6.12 -1.92
CA TRP A 370 1.55 7.16 -2.82
C TRP A 370 1.98 6.89 -4.25
N THR A 371 2.75 5.83 -4.49
CA THR A 371 3.23 5.51 -5.83
C THR A 371 3.04 4.05 -6.26
N CYS A 372 3.18 3.82 -7.57
CA CYS A 372 3.12 2.48 -8.12
C CYS A 372 4.08 2.53 -9.30
N ASP A 373 5.20 1.82 -9.17
CA ASP A 373 6.20 1.77 -10.21
C ASP A 373 5.74 0.98 -11.41
N VAL A 374 5.67 1.66 -12.54
CA VAL A 374 5.23 1.06 -13.78
C VAL A 374 6.41 0.48 -14.57
N ARG A 375 7.57 1.12 -14.48
CA ARG A 375 8.74 0.63 -15.21
C ARG A 375 10.04 0.87 -14.46
N ARG A 376 10.83 -0.18 -14.34
CA ARG A 376 12.14 -0.15 -13.67
C ARG A 376 13.07 -0.87 -14.62
N ARG A 377 14.29 -0.36 -14.76
CA ARG A 377 15.22 -0.97 -15.67
C ARG A 377 15.88 -2.21 -15.05
N GLY A 378 15.56 -3.40 -15.58
CA GLY A 378 16.12 -4.63 -15.06
C GLY A 378 15.48 -5.92 -15.58
N THR A 379 15.84 -7.05 -14.98
CA THR A 379 15.32 -8.36 -15.41
C THR A 379 14.78 -9.20 -14.24
N LEU A 380 14.10 -10.29 -14.58
CA LEU A 380 13.55 -11.17 -13.56
C LEU A 380 14.65 -12.06 -13.01
N GLN A 381 14.75 -12.14 -11.69
CA GLN A 381 15.79 -12.96 -11.08
C GLN A 381 15.28 -13.51 -9.77
N SER A 382 16.06 -14.37 -9.15
CA SER A 382 15.72 -14.93 -7.85
C SER A 382 16.72 -14.37 -6.86
N TYR A 383 16.24 -13.95 -5.70
CA TYR A 383 17.14 -13.40 -4.70
C TYR A 383 17.05 -14.26 -3.44
N LEU A 384 16.26 -15.32 -3.50
CA LEU A 384 16.10 -16.22 -2.39
C LEU A 384 16.99 -17.41 -2.69
N ASP A 385 17.79 -17.27 -3.74
CA ASP A 385 18.73 -18.28 -4.24
C ASP A 385 18.00 -19.35 -5.02
#